data_3GGY
#
_entry.id   3GGY
#
_cell.length_a   144.845
_cell.length_b   44.172
_cell.length_c   66.952
_cell.angle_alpha   90.000
_cell.angle_beta   110.480
_cell.angle_gamma   90.000
#
_symmetry.space_group_name_H-M   'C 1 2 1'
#
loop_
_entity.id
_entity.type
_entity.pdbx_description
1 polymer 'Increased sodium tolerance protein 1'
2 water water
#
_entity_poly.entity_id   1
_entity_poly.type   'polypeptide(L)'
_entity_poly.pdbx_seq_one_letter_code
;MAPSMIPFTIKLKTCLKMCIQRLRYAQEKQQAIAKQSRRQVAQLLLTNKEQKAHYRVETLIHDDIHIELLEILELYCELL
LARVQVINDISTEEQLVKEHMDDGINEAIRSLIYAILFVDEVKELSQLKDLMAWKINVEFVNGVIADHIDVPEKIIKKCS
PSVPKEELVDLYLKEIAKTYDVPYSKLENSLSS
;
_entity_poly.pdbx_strand_id   A,B
#
# COMPACT_ATOMS: atom_id res chain seq x y z
N ILE A 6 -26.68 15.04 -7.60
CA ILE A 6 -27.17 16.08 -8.53
C ILE A 6 -26.56 17.44 -8.21
N PRO A 7 -26.63 17.86 -6.94
CA PRO A 7 -26.06 19.16 -6.59
C PRO A 7 -24.57 19.20 -6.95
N PHE A 8 -24.07 20.38 -7.26
CA PHE A 8 -22.66 20.53 -7.62
C PHE A 8 -21.76 19.96 -6.53
N THR A 9 -22.01 20.37 -5.29
CA THR A 9 -21.21 19.92 -4.15
C THR A 9 -21.15 18.40 -4.01
N ILE A 10 -22.26 17.73 -4.32
CA ILE A 10 -22.30 16.28 -4.22
C ILE A 10 -21.53 15.63 -5.37
N LYS A 11 -21.71 16.17 -6.57
CA LYS A 11 -21.01 15.63 -7.73
C LYS A 11 -19.50 15.82 -7.57
N LEU A 12 -19.11 16.95 -6.99
CA LEU A 12 -17.69 17.25 -6.78
C LEU A 12 -17.10 16.30 -5.73
N LYS A 13 -17.83 16.09 -4.65
CA LYS A 13 -17.37 15.20 -3.60
C LYS A 13 -17.15 13.81 -4.16
N THR A 14 -18.14 13.32 -4.92
CA THR A 14 -18.07 12.01 -5.53
C THR A 14 -16.85 11.91 -6.44
N CYS A 15 -16.64 12.96 -7.23
CA CYS A 15 -15.52 13.00 -8.16
C CYS A 15 -14.18 12.95 -7.45
N LEU A 16 -14.00 13.83 -6.45
CA LEU A 16 -12.75 13.89 -5.71
C LEU A 16 -12.46 12.58 -4.99
N LYS A 17 -13.48 11.95 -4.43
CA LYS A 17 -13.27 10.69 -3.73
C LYS A 17 -12.79 9.60 -4.68
N MET A 18 -13.37 9.56 -5.88
CA MET A 18 -12.97 8.57 -6.88
C MET A 18 -11.57 8.88 -7.38
N CYS A 19 -11.26 10.16 -7.57
CA CYS A 19 -9.93 10.53 -8.02
C CYS A 19 -8.88 10.08 -7.02
N ILE A 20 -9.18 10.25 -5.73
CA ILE A 20 -8.24 9.85 -4.69
C ILE A 20 -8.01 8.34 -4.71
N GLN A 21 -9.08 7.57 -4.85
CA GLN A 21 -8.95 6.12 -4.88
C GLN A 21 -8.17 5.66 -6.11
N ARG A 22 -8.46 6.26 -7.26
CA ARG A 22 -7.77 5.91 -8.50
C ARG A 22 -6.30 6.31 -8.44
N LEU A 23 -6.02 7.51 -7.95
CA LEU A 23 -4.64 7.95 -7.84
C LEU A 23 -3.83 7.04 -6.92
N ARG A 24 -4.42 6.66 -5.79
CA ARG A 24 -3.74 5.79 -4.84
C ARG A 24 -3.45 4.44 -5.48
N TYR A 25 -4.42 3.92 -6.20
CA TYR A 25 -4.28 2.62 -6.86
C TYR A 25 -3.23 2.67 -7.96
N ALA A 26 -3.20 3.77 -8.71
CA ALA A 26 -2.23 3.94 -9.79
C ALA A 26 -0.82 3.99 -9.21
N GLN A 27 -0.67 4.66 -8.06
CA GLN A 27 0.62 4.77 -7.40
C GLN A 27 1.11 3.39 -7.00
N GLU A 28 0.24 2.65 -6.33
CA GLU A 28 0.55 1.30 -5.87
C GLU A 28 1.05 0.45 -7.03
N LYS A 29 0.25 0.41 -8.10
CA LYS A 29 0.58 -0.36 -9.28
C LYS A 29 1.88 0.09 -9.93
N GLN A 30 2.01 1.38 -10.15
CA GLN A 30 3.22 1.89 -10.79
C GLN A 30 4.48 1.73 -9.96
N GLN A 31 4.35 1.76 -8.64
CA GLN A 31 5.51 1.59 -7.77
C GLN A 31 5.99 0.15 -7.88
N ALA A 32 5.04 -0.78 -7.88
CA ALA A 32 5.38 -2.20 -7.98
C ALA A 32 6.06 -2.47 -9.32
N ILE A 33 5.55 -1.84 -10.38
CA ILE A 33 6.12 -2.01 -11.72
C ILE A 33 7.52 -1.41 -11.79
N ALA A 34 7.72 -0.28 -11.12
CA ALA A 34 9.02 0.38 -11.10
C ALA A 34 10.03 -0.57 -10.44
N LYS A 35 9.58 -1.28 -9.40
CA LYS A 35 10.47 -2.21 -8.71
C LYS A 35 10.88 -3.34 -9.66
N GLN A 36 9.93 -3.82 -10.45
CA GLN A 36 10.23 -4.89 -11.41
C GLN A 36 11.19 -4.39 -12.47
N SER A 37 11.04 -3.13 -12.88
CA SER A 37 11.92 -2.56 -13.89
C SER A 37 13.36 -2.50 -13.40
N ARG A 38 13.53 -2.19 -12.11
CA ARG A 38 14.87 -2.11 -11.54
C ARG A 38 15.52 -3.50 -11.56
N ARG A 39 14.74 -4.53 -11.26
CA ARG A 39 15.25 -5.90 -11.27
C ARG A 39 15.68 -6.26 -12.70
N GLN A 40 14.89 -5.83 -13.67
CA GLN A 40 15.16 -6.11 -15.06
C GLN A 40 16.40 -5.38 -15.58
N VAL A 41 16.66 -4.19 -15.04
CA VAL A 41 17.85 -3.45 -15.44
C VAL A 41 19.06 -4.24 -14.92
N ALA A 42 18.93 -4.75 -13.71
CA ALA A 42 20.01 -5.53 -13.11
C ALA A 42 20.31 -6.75 -13.96
N GLN A 43 19.27 -7.40 -14.46
CA GLN A 43 19.43 -8.59 -15.30
C GLN A 43 20.12 -8.23 -16.62
N LEU A 44 19.79 -7.05 -17.16
CA LEU A 44 20.41 -6.60 -18.39
C LEU A 44 21.90 -6.38 -18.16
N LEU A 45 22.25 -5.86 -16.99
CA LEU A 45 23.65 -5.62 -16.67
C LEU A 45 24.40 -6.93 -16.55
N LEU A 46 23.80 -7.90 -15.87
CA LEU A 46 24.43 -9.20 -15.69
C LEU A 46 24.71 -9.89 -17.02
N THR A 47 23.91 -9.56 -18.04
CA THR A 47 24.07 -10.16 -19.36
C THR A 47 24.75 -9.26 -20.40
N ASN A 48 25.47 -8.25 -19.92
CA ASN A 48 26.23 -7.34 -20.78
C ASN A 48 25.42 -6.52 -21.78
N LYS A 49 24.14 -6.29 -21.51
CA LYS A 49 23.31 -5.50 -22.41
C LYS A 49 23.28 -4.06 -21.91
N GLU A 50 24.43 -3.39 -22.06
CA GLU A 50 24.60 -2.00 -21.62
C GLU A 50 23.66 -0.99 -22.24
N GLN A 51 23.55 -1.02 -23.56
CA GLN A 51 22.69 -0.10 -24.27
C GLN A 51 21.24 -0.21 -23.79
N LYS A 52 20.72 -1.43 -23.75
CA LYS A 52 19.35 -1.66 -23.31
C LYS A 52 19.16 -1.23 -21.86
N ALA A 53 20.13 -1.51 -21.01
CA ALA A 53 20.04 -1.14 -19.60
C ALA A 53 19.90 0.38 -19.50
N HIS A 54 20.65 1.09 -20.33
CA HIS A 54 20.61 2.55 -20.35
C HIS A 54 19.22 3.04 -20.72
N TYR A 55 18.68 2.49 -21.81
CA TYR A 55 17.35 2.87 -22.26
C TYR A 55 16.31 2.59 -21.19
N ARG A 56 16.45 1.45 -20.52
CA ARG A 56 15.51 1.05 -19.49
C ARG A 56 15.56 2.00 -18.30
N VAL A 57 16.76 2.46 -17.97
CA VAL A 57 16.92 3.39 -16.86
C VAL A 57 16.28 4.72 -17.20
N GLU A 58 16.45 5.18 -18.43
CA GLU A 58 15.84 6.45 -18.83
C GLU A 58 14.33 6.38 -18.63
N THR A 59 13.73 5.26 -18.97
CA THR A 59 12.29 5.07 -18.81
C THR A 59 11.93 5.03 -17.33
N LEU A 60 12.74 4.32 -16.55
CA LEU A 60 12.52 4.22 -15.12
C LEU A 60 12.55 5.59 -14.44
N ILE A 61 13.47 6.43 -14.87
CA ILE A 61 13.59 7.78 -14.31
C ILE A 61 12.29 8.53 -14.52
N HIS A 62 11.74 8.43 -15.73
CA HIS A 62 10.47 9.11 -16.00
C HIS A 62 9.35 8.46 -15.19
N ASP A 63 9.39 7.14 -15.05
CA ASP A 63 8.36 6.45 -14.28
C ASP A 63 8.34 6.93 -12.83
N ASP A 64 9.53 7.12 -12.24
CA ASP A 64 9.62 7.58 -10.86
C ASP A 64 9.10 9.02 -10.72
N ILE A 65 9.40 9.86 -11.70
CA ILE A 65 8.93 11.24 -11.66
C ILE A 65 7.40 11.26 -11.75
N HIS A 66 6.86 10.38 -12.59
CA HIS A 66 5.41 10.31 -12.76
C HIS A 66 4.74 9.86 -11.46
N ILE A 67 5.38 8.93 -10.75
CA ILE A 67 4.82 8.47 -9.50
C ILE A 67 4.78 9.64 -8.50
N GLU A 68 5.82 10.47 -8.52
CA GLU A 68 5.87 11.63 -7.64
C GLU A 68 4.72 12.57 -8.00
N LEU A 69 4.44 12.71 -9.29
CA LEU A 69 3.34 13.57 -9.73
C LEU A 69 2.04 13.05 -9.13
N LEU A 70 1.81 11.75 -9.24
CA LEU A 70 0.60 11.14 -8.70
C LEU A 70 0.46 11.38 -7.19
N GLU A 71 1.57 11.34 -6.47
CA GLU A 71 1.53 11.55 -5.02
C GLU A 71 1.08 12.98 -4.72
N ILE A 72 1.60 13.94 -5.49
CA ILE A 72 1.23 15.33 -5.29
C ILE A 72 -0.24 15.55 -5.65
N LEU A 73 -0.68 14.97 -6.76
CA LEU A 73 -2.07 15.15 -7.17
C LEU A 73 -3.03 14.57 -6.13
N GLU A 74 -2.62 13.47 -5.50
CA GLU A 74 -3.45 12.84 -4.48
C GLU A 74 -3.66 13.83 -3.34
N LEU A 75 -2.57 14.48 -2.94
CA LEU A 75 -2.64 15.47 -1.87
C LEU A 75 -3.53 16.63 -2.25
N TYR A 76 -3.45 17.08 -3.51
CA TYR A 76 -4.30 18.18 -3.95
C TYR A 76 -5.77 17.77 -3.89
N CYS A 77 -6.06 16.53 -4.25
CA CYS A 77 -7.43 16.04 -4.21
C CYS A 77 -7.95 16.02 -2.78
N GLU A 78 -7.11 15.58 -1.85
CA GLU A 78 -7.51 15.51 -0.45
C GLU A 78 -7.78 16.90 0.09
N LEU A 79 -6.97 17.86 -0.34
CA LEU A 79 -7.12 19.25 0.08
C LEU A 79 -8.48 19.78 -0.34
N LEU A 80 -8.79 19.63 -1.63
CA LEU A 80 -10.06 20.08 -2.16
C LEU A 80 -11.24 19.36 -1.52
N LEU A 81 -11.05 18.08 -1.22
CA LEU A 81 -12.12 17.28 -0.62
C LEU A 81 -12.51 17.83 0.74
N ALA A 82 -11.52 18.28 1.50
CA ALA A 82 -11.77 18.82 2.84
C ALA A 82 -12.36 20.23 2.81
N ARG A 83 -12.23 20.90 1.67
CA ARG A 83 -12.74 22.26 1.52
C ARG A 83 -13.86 22.37 0.48
N VAL A 84 -14.52 21.24 0.21
CA VAL A 84 -15.59 21.20 -0.78
C VAL A 84 -16.68 22.24 -0.59
N GLN A 85 -17.12 22.45 0.65
CA GLN A 85 -18.17 23.42 0.93
C GLN A 85 -17.78 24.85 0.57
N VAL A 86 -16.49 25.17 0.64
CA VAL A 86 -16.02 26.51 0.31
C VAL A 86 -15.98 26.72 -1.20
N ILE A 87 -15.59 25.69 -1.94
CA ILE A 87 -15.51 25.76 -3.39
C ILE A 87 -16.89 26.03 -3.96
N ASN A 88 -17.91 25.62 -3.23
CA ASN A 88 -19.29 25.81 -3.66
C ASN A 88 -19.64 27.28 -3.76
N ASP A 89 -18.88 28.13 -3.06
CA ASP A 89 -19.12 29.56 -3.08
C ASP A 89 -18.21 30.32 -4.05
N ILE A 90 -17.61 29.60 -4.99
CA ILE A 90 -16.72 30.20 -5.97
C ILE A 90 -17.39 30.21 -7.35
N SER A 91 -17.60 31.39 -7.91
CA SER A 91 -18.25 31.50 -9.21
C SER A 91 -17.39 32.22 -10.25
N THR A 92 -16.31 32.85 -9.80
CA THR A 92 -15.42 33.55 -10.71
C THR A 92 -13.95 33.29 -10.42
N GLU A 93 -13.13 33.45 -11.45
CA GLU A 93 -11.70 33.23 -11.33
C GLU A 93 -11.05 34.26 -10.40
N GLU A 94 -11.61 35.47 -10.37
CA GLU A 94 -11.08 36.52 -9.51
C GLU A 94 -11.15 36.05 -8.06
N GLN A 95 -12.29 35.46 -7.69
CA GLN A 95 -12.48 34.97 -6.33
C GLN A 95 -11.46 33.88 -6.03
N LEU A 96 -11.32 32.94 -6.96
CA LEU A 96 -10.39 31.84 -6.80
C LEU A 96 -8.96 32.31 -6.54
N VAL A 97 -8.49 33.25 -7.35
CA VAL A 97 -7.13 33.76 -7.23
C VAL A 97 -6.86 34.72 -6.07
N LYS A 98 -7.84 35.55 -5.73
CA LYS A 98 -7.64 36.51 -4.65
C LYS A 98 -8.11 36.05 -3.28
N GLU A 99 -9.16 35.23 -3.24
CA GLU A 99 -9.71 34.74 -1.97
C GLU A 99 -9.32 33.32 -1.61
N HIS A 100 -8.83 32.54 -2.57
CA HIS A 100 -8.47 31.16 -2.30
C HIS A 100 -7.04 30.77 -2.71
N MET A 101 -6.10 31.68 -2.50
CA MET A 101 -4.70 31.44 -2.81
C MET A 101 -4.05 30.98 -1.52
N ASP A 102 -4.71 31.33 -0.42
CA ASP A 102 -4.22 30.98 0.89
C ASP A 102 -4.56 29.54 1.28
N ASP A 103 -5.82 29.16 1.16
CA ASP A 103 -6.26 27.81 1.51
C ASP A 103 -5.74 26.77 0.52
N GLY A 104 -4.93 27.22 -0.43
CA GLY A 104 -4.35 26.32 -1.43
C GLY A 104 -5.27 25.77 -2.50
N ILE A 105 -6.51 26.25 -2.52
CA ILE A 105 -7.48 25.77 -3.49
C ILE A 105 -7.12 26.16 -4.92
N ASN A 106 -6.74 27.42 -5.13
CA ASN A 106 -6.37 27.88 -6.48
C ASN A 106 -5.35 26.94 -7.12
N GLU A 107 -4.26 26.71 -6.40
CA GLU A 107 -3.17 25.86 -6.82
C GLU A 107 -3.62 24.41 -7.04
N ALA A 108 -4.40 23.88 -6.11
CA ALA A 108 -4.87 22.50 -6.20
C ALA A 108 -5.76 22.21 -7.40
N ILE A 109 -6.77 23.04 -7.63
CA ILE A 109 -7.69 22.82 -8.73
C ILE A 109 -7.00 23.02 -10.09
N ARG A 110 -6.14 24.04 -10.19
CA ARG A 110 -5.43 24.30 -11.43
C ARG A 110 -4.50 23.14 -11.77
N SER A 111 -3.81 22.61 -10.76
CA SER A 111 -2.88 21.51 -11.00
C SER A 111 -3.58 20.24 -11.47
N LEU A 112 -4.75 19.95 -10.90
CA LEU A 112 -5.49 18.75 -11.27
C LEU A 112 -6.03 18.86 -12.69
N ILE A 113 -6.49 20.05 -13.07
CA ILE A 113 -7.01 20.24 -14.42
C ILE A 113 -5.86 20.14 -15.44
N TYR A 114 -4.73 20.76 -15.11
CA TYR A 114 -3.56 20.72 -15.98
C TYR A 114 -3.07 19.29 -16.17
N ALA A 115 -3.21 18.49 -15.12
CA ALA A 115 -2.74 17.10 -15.14
C ALA A 115 -3.54 16.13 -16.00
N ILE A 116 -4.79 16.47 -16.32
CA ILE A 116 -5.64 15.57 -17.11
C ILE A 116 -4.95 14.97 -18.33
N LEU A 117 -4.35 15.84 -19.13
CA LEU A 117 -3.66 15.41 -20.34
C LEU A 117 -2.51 14.44 -20.08
N PHE A 118 -1.85 14.61 -18.94
CA PHE A 118 -0.70 13.81 -18.59
C PHE A 118 -0.95 12.57 -17.73
N VAL A 119 -2.17 12.41 -17.22
CA VAL A 119 -2.51 11.27 -16.38
C VAL A 119 -3.77 10.60 -16.93
N ASP A 120 -3.66 10.00 -18.11
CA ASP A 120 -4.82 9.35 -18.70
C ASP A 120 -5.24 8.08 -17.95
N GLU A 121 -4.39 7.61 -17.04
CA GLU A 121 -4.72 6.42 -16.27
C GLU A 121 -5.81 6.69 -15.24
N VAL A 122 -6.12 7.98 -15.02
CA VAL A 122 -7.17 8.36 -14.09
C VAL A 122 -8.17 9.24 -14.86
N LYS A 123 -9.12 8.58 -15.52
CA LYS A 123 -10.12 9.28 -16.33
C LYS A 123 -10.97 10.30 -15.59
N GLU A 124 -11.29 10.03 -14.33
CA GLU A 124 -12.12 10.92 -13.53
C GLU A 124 -11.61 12.35 -13.43
N LEU A 125 -10.33 12.58 -13.63
CA LEU A 125 -9.80 13.94 -13.55
C LEU A 125 -10.50 14.86 -14.55
N SER A 126 -10.91 14.31 -15.69
CA SER A 126 -11.60 15.12 -16.70
C SER A 126 -12.91 15.67 -16.15
N GLN A 127 -13.50 14.96 -15.20
CA GLN A 127 -14.74 15.40 -14.58
C GLN A 127 -14.53 16.69 -13.80
N LEU A 128 -13.33 16.87 -13.24
CA LEU A 128 -13.04 18.08 -12.48
C LEU A 128 -13.06 19.27 -13.41
N LYS A 129 -12.51 19.08 -14.61
CA LYS A 129 -12.49 20.16 -15.59
C LYS A 129 -13.93 20.53 -15.93
N ASP A 130 -14.75 19.52 -16.25
CA ASP A 130 -16.14 19.77 -16.60
C ASP A 130 -16.88 20.51 -15.48
N LEU A 131 -16.65 20.08 -14.24
CA LEU A 131 -17.30 20.72 -13.11
C LEU A 131 -16.89 22.16 -12.92
N MET A 132 -15.59 22.45 -13.06
CA MET A 132 -15.09 23.81 -12.88
C MET A 132 -15.41 24.73 -14.05
N ALA A 133 -15.55 24.17 -15.24
CA ALA A 133 -15.91 24.96 -16.41
C ALA A 133 -17.33 25.48 -16.20
N TRP A 134 -18.14 24.70 -15.50
CA TRP A 134 -19.52 25.09 -15.21
C TRP A 134 -19.58 26.04 -14.02
N LYS A 135 -18.86 25.69 -12.96
CA LYS A 135 -18.84 26.47 -11.72
C LYS A 135 -18.25 27.87 -11.91
N ILE A 136 -17.11 27.93 -12.58
CA ILE A 136 -16.47 29.22 -12.84
C ILE A 136 -16.78 29.54 -14.30
N ASN A 137 -15.91 29.17 -15.23
CA ASN A 137 -16.18 29.40 -16.64
C ASN A 137 -15.16 28.71 -17.54
N VAL A 138 -15.47 28.65 -18.83
CA VAL A 138 -14.59 27.98 -19.79
C VAL A 138 -13.25 28.70 -19.90
N GLU A 139 -13.27 30.03 -19.77
CA GLU A 139 -12.04 30.81 -19.85
C GLU A 139 -11.04 30.33 -18.80
N PHE A 140 -11.53 30.06 -17.60
CA PHE A 140 -10.68 29.59 -16.52
C PHE A 140 -9.96 28.30 -16.89
N VAL A 141 -10.73 27.28 -17.31
CA VAL A 141 -10.12 26.02 -17.67
C VAL A 141 -9.19 26.10 -18.88
N ASN A 142 -9.52 26.92 -19.87
CA ASN A 142 -8.65 27.05 -21.03
C ASN A 142 -7.34 27.76 -20.65
N GLY A 143 -7.44 28.68 -19.69
CA GLY A 143 -6.25 29.38 -19.24
C GLY A 143 -5.28 28.40 -18.62
N VAL A 144 -5.82 27.42 -17.91
CA VAL A 144 -4.99 26.41 -17.25
C VAL A 144 -4.36 25.45 -18.27
N ILE A 145 -5.17 24.91 -19.16
CA ILE A 145 -4.67 23.95 -20.12
C ILE A 145 -3.78 24.54 -21.22
N ALA A 146 -4.26 25.61 -21.86
CA ALA A 146 -3.51 26.23 -22.94
C ALA A 146 -2.32 27.04 -22.47
N ASP A 147 -2.50 27.79 -21.39
CA ASP A 147 -1.45 28.67 -20.91
C ASP A 147 -0.88 28.39 -19.52
N HIS A 148 -1.24 27.24 -18.93
CA HIS A 148 -0.82 26.84 -17.59
C HIS A 148 -0.78 27.98 -16.58
N ILE A 149 -1.79 28.83 -16.62
CA ILE A 149 -1.88 29.97 -15.70
C ILE A 149 -1.97 29.50 -14.25
N ASP A 150 -1.05 29.99 -13.44
CA ASP A 150 -0.97 29.66 -12.02
C ASP A 150 -0.75 28.19 -11.68
N VAL A 151 -0.27 27.42 -12.65
CA VAL A 151 0.05 26.01 -12.39
C VAL A 151 1.49 26.00 -11.85
N PRO A 152 1.69 25.37 -10.67
CA PRO A 152 3.01 25.28 -10.03
C PRO A 152 4.08 24.75 -10.96
N GLU A 153 5.26 25.36 -10.88
CA GLU A 153 6.38 24.94 -11.70
C GLU A 153 6.68 23.44 -11.49
N LYS A 154 6.55 22.98 -10.26
CA LYS A 154 6.81 21.58 -9.93
C LYS A 154 5.90 20.65 -10.74
N ILE A 155 4.63 21.02 -10.87
CA ILE A 155 3.68 20.22 -11.63
C ILE A 155 4.01 20.26 -13.12
N ILE A 156 4.36 21.43 -13.63
CA ILE A 156 4.69 21.53 -15.05
C ILE A 156 5.92 20.65 -15.37
N LYS A 157 6.88 20.63 -14.46
CA LYS A 157 8.10 19.86 -14.64
C LYS A 157 7.91 18.35 -14.54
N LYS A 158 7.01 17.92 -13.67
CA LYS A 158 6.78 16.50 -13.52
C LYS A 158 5.89 15.97 -14.65
N CYS A 159 5.12 16.85 -15.27
CA CYS A 159 4.28 16.43 -16.39
C CYS A 159 5.14 16.34 -17.63
N SER A 160 6.13 17.22 -17.72
CA SER A 160 7.03 17.24 -18.86
C SER A 160 8.47 17.38 -18.38
N PRO A 161 9.04 16.31 -17.79
CA PRO A 161 10.41 16.38 -17.30
C PRO A 161 11.44 16.53 -18.42
N SER A 162 12.51 17.26 -18.13
CA SER A 162 13.57 17.47 -19.10
C SER A 162 14.34 16.18 -19.30
N VAL A 163 15.11 16.10 -20.38
CA VAL A 163 15.89 14.90 -20.68
C VAL A 163 16.79 14.55 -19.51
N PRO A 164 16.81 13.27 -19.10
CA PRO A 164 17.67 12.88 -17.99
C PRO A 164 19.13 13.04 -18.38
N LYS A 165 19.92 13.67 -17.53
CA LYS A 165 21.33 13.84 -17.82
C LYS A 165 22.05 12.54 -17.50
N GLU A 166 23.15 12.29 -18.20
CA GLU A 166 23.91 11.06 -18.01
C GLU A 166 24.33 10.83 -16.56
N GLU A 167 24.52 11.91 -15.82
CA GLU A 167 24.92 11.81 -14.42
C GLU A 167 23.84 11.11 -13.60
N LEU A 168 22.58 11.41 -13.90
CA LEU A 168 21.46 10.81 -13.19
C LEU A 168 21.28 9.35 -13.60
N VAL A 169 21.49 9.07 -14.88
CA VAL A 169 21.36 7.70 -15.36
C VAL A 169 22.44 6.86 -14.65
N ASP A 170 23.65 7.40 -14.58
CA ASP A 170 24.75 6.69 -13.93
C ASP A 170 24.42 6.46 -12.46
N LEU A 171 23.81 7.45 -11.83
CA LEU A 171 23.45 7.33 -10.42
C LEU A 171 22.43 6.20 -10.26
N TYR A 172 21.44 6.14 -11.14
CA TYR A 172 20.42 5.09 -11.07
C TYR A 172 21.06 3.71 -11.24
N LEU A 173 21.99 3.60 -12.18
CA LEU A 173 22.67 2.34 -12.43
C LEU A 173 23.40 1.88 -11.16
N LYS A 174 24.10 2.82 -10.52
CA LYS A 174 24.84 2.50 -9.31
C LYS A 174 23.92 2.09 -8.17
N GLU A 175 22.77 2.74 -8.04
CA GLU A 175 21.85 2.39 -6.96
C GLU A 175 21.19 1.04 -7.24
N ILE A 176 20.93 0.75 -8.51
CA ILE A 176 20.33 -0.54 -8.86
C ILE A 176 21.39 -1.63 -8.60
N ALA A 177 22.65 -1.32 -8.88
CA ALA A 177 23.71 -2.29 -8.65
C ALA A 177 23.83 -2.63 -7.17
N LYS A 178 23.63 -1.63 -6.31
CA LYS A 178 23.72 -1.88 -4.87
C LYS A 178 22.55 -2.76 -4.42
N THR A 179 21.35 -2.40 -4.86
CA THR A 179 20.16 -3.15 -4.48
C THR A 179 20.25 -4.63 -4.85
N TYR A 180 20.74 -4.91 -6.04
CA TYR A 180 20.82 -6.28 -6.53
C TYR A 180 22.18 -6.95 -6.53
N ASP A 181 23.12 -6.40 -5.78
CA ASP A 181 24.48 -6.96 -5.69
C ASP A 181 25.11 -7.26 -7.04
N VAL A 182 24.92 -6.38 -8.01
CA VAL A 182 25.48 -6.57 -9.34
C VAL A 182 26.99 -6.48 -9.27
N PRO A 183 27.71 -7.47 -9.83
CA PRO A 183 29.18 -7.44 -9.79
C PRO A 183 29.76 -6.14 -10.33
N TYR A 184 30.86 -5.70 -9.71
CA TYR A 184 31.55 -4.48 -10.09
C TYR A 184 31.78 -4.36 -11.60
N SER A 185 32.36 -5.39 -12.20
CA SER A 185 32.67 -5.36 -13.62
C SER A 185 31.46 -5.11 -14.50
N LYS A 186 30.33 -5.72 -14.13
CA LYS A 186 29.10 -5.57 -14.90
C LYS A 186 28.54 -4.15 -14.84
N LEU A 187 28.65 -3.51 -13.67
CA LEU A 187 28.13 -2.16 -13.54
C LEU A 187 29.05 -1.15 -14.21
N GLU A 188 30.36 -1.34 -14.04
CA GLU A 188 31.33 -0.43 -14.64
C GLU A 188 31.21 -0.37 -16.16
N ASN A 189 30.96 -1.52 -16.78
CA ASN A 189 30.83 -1.57 -18.23
C ASN A 189 29.62 -0.77 -18.74
N SER A 190 28.68 -0.45 -17.86
CA SER A 190 27.48 0.30 -18.24
C SER A 190 27.62 1.81 -18.04
N LEU A 191 28.60 2.21 -17.23
CA LEU A 191 28.82 3.62 -16.95
C LEU A 191 29.48 4.30 -18.14
N ILE B 6 -20.80 9.13 17.61
CA ILE B 6 -21.38 8.57 18.88
C ILE B 6 -21.98 7.18 18.63
N PRO B 7 -22.82 7.06 17.58
CA PRO B 7 -23.44 5.77 17.27
C PRO B 7 -22.45 4.62 17.18
N PHE B 8 -22.96 3.41 17.40
CA PHE B 8 -22.14 2.21 17.35
C PHE B 8 -21.53 2.06 15.96
N THR B 9 -22.34 2.22 14.94
CA THR B 9 -21.88 2.08 13.55
C THR B 9 -20.70 2.99 13.23
N ILE B 10 -20.69 4.18 13.83
CA ILE B 10 -19.61 5.13 13.60
C ILE B 10 -18.33 4.63 14.26
N LYS B 11 -18.44 4.19 15.51
CA LYS B 11 -17.31 3.67 16.26
C LYS B 11 -16.70 2.46 15.56
N LEU B 12 -17.55 1.57 15.07
CA LEU B 12 -17.09 0.35 14.40
C LEU B 12 -16.36 0.64 13.10
N LYS B 13 -17.01 1.38 12.20
CA LYS B 13 -16.39 1.72 10.91
C LYS B 13 -15.04 2.39 11.13
N THR B 14 -14.96 3.24 12.16
CA THR B 14 -13.73 3.95 12.48
C THR B 14 -12.65 2.97 12.94
N CYS B 15 -13.04 2.07 13.85
CA CYS B 15 -12.11 1.08 14.37
C CYS B 15 -11.61 0.16 13.26
N LEU B 16 -12.54 -0.34 12.43
CA LEU B 16 -12.16 -1.24 11.34
C LEU B 16 -11.21 -0.58 10.34
N LYS B 17 -11.49 0.68 9.99
CA LYS B 17 -10.61 1.38 9.06
C LYS B 17 -9.19 1.48 9.64
N MET B 18 -9.11 1.78 10.93
CA MET B 18 -7.81 1.90 11.58
C MET B 18 -7.12 0.54 11.63
N CYS B 19 -7.87 -0.51 11.93
CA CYS B 19 -7.28 -1.85 11.99
C CYS B 19 -6.70 -2.21 10.62
N ILE B 20 -7.43 -1.88 9.56
CA ILE B 20 -6.97 -2.17 8.21
C ILE B 20 -5.66 -1.46 7.91
N GLN B 21 -5.60 -0.18 8.25
CA GLN B 21 -4.39 0.60 8.01
C GLN B 21 -3.19 0.03 8.78
N ARG B 22 -3.40 -0.34 10.05
CA ARG B 22 -2.34 -0.87 10.88
C ARG B 22 -1.90 -2.25 10.42
N LEU B 23 -2.85 -3.06 9.95
CA LEU B 23 -2.50 -4.40 9.46
C LEU B 23 -1.67 -4.26 8.19
N ARG B 24 -2.05 -3.30 7.34
CA ARG B 24 -1.31 -3.08 6.10
C ARG B 24 0.10 -2.63 6.44
N TYR B 25 0.23 -1.75 7.42
CA TYR B 25 1.53 -1.25 7.85
C TYR B 25 2.41 -2.37 8.40
N ALA B 26 1.82 -3.21 9.25
CA ALA B 26 2.56 -4.32 9.85
C ALA B 26 3.06 -5.28 8.76
N GLN B 27 2.24 -5.55 7.77
CA GLN B 27 2.62 -6.44 6.70
C GLN B 27 3.82 -5.89 5.93
N GLU B 28 3.75 -4.61 5.59
CA GLU B 28 4.81 -3.95 4.84
C GLU B 28 6.11 -3.92 5.61
N LYS B 29 6.04 -3.57 6.89
CA LYS B 29 7.23 -3.52 7.72
C LYS B 29 7.83 -4.91 7.92
N GLN B 30 6.98 -5.89 8.19
CA GLN B 30 7.45 -7.24 8.43
C GLN B 30 7.96 -7.93 7.17
N GLN B 31 7.41 -7.57 6.02
CA GLN B 31 7.86 -8.15 4.77
C GLN B 31 9.30 -7.73 4.55
N ALA B 32 9.60 -6.47 4.87
CA ALA B 32 10.96 -5.93 4.71
C ALA B 32 11.94 -6.62 5.65
N ILE B 33 11.52 -6.83 6.90
CA ILE B 33 12.38 -7.48 7.87
C ILE B 33 12.66 -8.92 7.44
N ALA B 34 11.64 -9.58 6.89
CA ALA B 34 11.79 -10.95 6.44
C ALA B 34 12.77 -11.04 5.27
N LYS B 35 12.65 -10.12 4.32
CA LYS B 35 13.54 -10.11 3.14
C LYS B 35 14.98 -9.87 3.57
N GLN B 36 15.16 -9.00 4.56
CA GLN B 36 16.49 -8.69 5.05
C GLN B 36 17.06 -9.87 5.85
N SER B 37 16.17 -10.64 6.48
CA SER B 37 16.59 -11.79 7.26
C SER B 37 17.09 -12.90 6.32
N ARG B 38 16.41 -13.06 5.19
CA ARG B 38 16.82 -14.07 4.22
C ARG B 38 18.23 -13.77 3.75
N ARG B 39 18.51 -12.50 3.48
CA ARG B 39 19.84 -12.10 3.03
C ARG B 39 20.88 -12.44 4.09
N GLN B 40 20.57 -12.22 5.35
CA GLN B 40 21.50 -12.53 6.43
C GLN B 40 21.73 -14.03 6.55
N VAL B 41 20.69 -14.82 6.29
CA VAL B 41 20.82 -16.27 6.37
C VAL B 41 21.87 -16.68 5.35
N ALA B 42 21.80 -16.11 4.16
CA ALA B 42 22.76 -16.42 3.12
C ALA B 42 24.17 -16.11 3.61
N GLN B 43 24.31 -14.96 4.28
CA GLN B 43 25.61 -14.56 4.81
C GLN B 43 26.12 -15.58 5.82
N LEU B 44 25.24 -16.08 6.68
CA LEU B 44 25.64 -17.07 7.67
C LEU B 44 26.14 -18.32 6.97
N LEU B 45 25.49 -18.69 5.87
CA LEU B 45 25.89 -19.86 5.10
C LEU B 45 27.28 -19.68 4.50
N LEU B 46 27.53 -18.51 3.94
CA LEU B 46 28.82 -18.22 3.33
C LEU B 46 29.94 -18.19 4.36
N THR B 47 29.60 -17.94 5.62
CA THR B 47 30.60 -17.88 6.68
C THR B 47 30.62 -19.14 7.54
N ASN B 48 30.04 -20.21 7.00
CA ASN B 48 30.00 -21.51 7.68
C ASN B 48 29.34 -21.53 9.06
N LYS B 49 28.41 -20.62 9.30
CA LYS B 49 27.70 -20.57 10.58
C LYS B 49 26.36 -21.29 10.38
N GLU B 50 26.45 -22.59 10.12
CA GLU B 50 25.28 -23.42 9.87
C GLU B 50 24.31 -23.53 11.05
N GLN B 51 24.85 -23.47 12.27
CA GLN B 51 24.00 -23.56 13.45
C GLN B 51 23.10 -22.33 13.51
N LYS B 52 23.71 -21.16 13.38
CA LYS B 52 22.97 -19.90 13.43
C LYS B 52 22.02 -19.77 12.25
N ALA B 53 22.43 -20.29 11.09
CA ALA B 53 21.59 -20.23 9.90
C ALA B 53 20.29 -20.97 10.17
N HIS B 54 20.42 -22.11 10.84
CA HIS B 54 19.27 -22.93 11.18
C HIS B 54 18.33 -22.16 12.11
N TYR B 55 18.89 -21.53 13.14
CA TYR B 55 18.08 -20.76 14.07
C TYR B 55 17.37 -19.61 13.37
N ARG B 56 18.09 -18.90 12.52
CA ARG B 56 17.52 -17.76 11.80
C ARG B 56 16.38 -18.19 10.87
N VAL B 57 16.54 -19.34 10.21
CA VAL B 57 15.50 -19.83 9.32
C VAL B 57 14.25 -20.17 10.12
N GLU B 58 14.45 -20.77 11.30
CA GLU B 58 13.33 -21.12 12.15
C GLU B 58 12.52 -19.86 12.42
N THR B 59 13.21 -18.76 12.72
CA THR B 59 12.56 -17.50 13.01
C THR B 59 11.84 -16.98 11.78
N LEU B 60 12.50 -17.08 10.62
CA LEU B 60 11.94 -16.62 9.36
C LEU B 60 10.66 -17.38 9.02
N ILE B 61 10.64 -18.68 9.32
CA ILE B 61 9.46 -19.49 9.05
C ILE B 61 8.26 -18.96 9.82
N HIS B 62 8.49 -18.59 11.08
CA HIS B 62 7.42 -18.05 11.90
C HIS B 62 7.02 -16.67 11.40
N ASP B 63 8.01 -15.89 10.98
CA ASP B 63 7.75 -14.55 10.46
C ASP B 63 6.84 -14.62 9.25
N ASP B 64 7.08 -15.58 8.37
CA ASP B 64 6.26 -15.71 7.16
C ASP B 64 4.83 -16.14 7.48
N ILE B 65 4.70 -17.05 8.43
CA ILE B 65 3.38 -17.52 8.82
C ILE B 65 2.63 -16.34 9.45
N HIS B 66 3.32 -15.54 10.24
CA HIS B 66 2.68 -14.39 10.88
C HIS B 66 2.20 -13.38 9.84
N ILE B 67 3.00 -13.18 8.79
CA ILE B 67 2.59 -12.27 7.73
C ILE B 67 1.33 -12.82 7.07
N GLU B 68 1.25 -14.13 6.88
CA GLU B 68 0.07 -14.74 6.28
C GLU B 68 -1.13 -14.44 7.16
N LEU B 69 -0.94 -14.55 8.47
CA LEU B 69 -2.03 -14.26 9.42
C LEU B 69 -2.51 -12.83 9.23
N LEU B 70 -1.58 -11.89 9.17
CA LEU B 70 -1.94 -10.49 8.99
C LEU B 70 -2.75 -10.28 7.70
N GLU B 71 -2.36 -10.97 6.62
CA GLU B 71 -3.09 -10.83 5.36
C GLU B 71 -4.54 -11.27 5.50
N ILE B 72 -4.74 -12.40 6.18
CA ILE B 72 -6.07 -12.94 6.40
C ILE B 72 -6.89 -12.01 7.29
N LEU B 73 -6.27 -11.50 8.36
CA LEU B 73 -6.99 -10.61 9.26
C LEU B 73 -7.43 -9.33 8.57
N GLU B 74 -6.60 -8.84 7.65
CA GLU B 74 -6.95 -7.63 6.90
C GLU B 74 -8.22 -7.90 6.10
N LEU B 75 -8.26 -9.04 5.42
CA LEU B 75 -9.42 -9.43 4.63
C LEU B 75 -10.67 -9.50 5.52
N TYR B 76 -10.51 -10.06 6.72
CA TYR B 76 -11.66 -10.15 7.62
C TYR B 76 -12.16 -8.76 7.99
N CYS B 77 -11.23 -7.82 8.20
CA CYS B 77 -11.59 -6.46 8.54
C CYS B 77 -12.32 -5.80 7.39
N GLU B 78 -11.85 -6.05 6.17
CA GLU B 78 -12.48 -5.46 5.00
C GLU B 78 -13.91 -5.98 4.85
N LEU B 79 -14.09 -7.27 5.09
CA LEU B 79 -15.41 -7.89 5.01
C LEU B 79 -16.38 -7.23 5.97
N LEU B 80 -15.96 -7.06 7.22
CA LEU B 80 -16.79 -6.43 8.24
C LEU B 80 -17.06 -4.96 7.90
N LEU B 81 -16.05 -4.26 7.40
CA LEU B 81 -16.20 -2.86 7.05
C LEU B 81 -17.32 -2.67 6.03
N ALA B 82 -17.40 -3.59 5.07
CA ALA B 82 -18.42 -3.51 4.03
C ALA B 82 -19.81 -3.88 4.55
N ARG B 83 -19.87 -4.56 5.70
CA ARG B 83 -21.15 -4.98 6.26
C ARG B 83 -21.49 -4.35 7.61
N VAL B 84 -20.92 -3.18 7.88
CA VAL B 84 -21.20 -2.53 9.16
C VAL B 84 -22.69 -2.29 9.33
N GLN B 85 -23.41 -2.16 8.22
CA GLN B 85 -24.85 -1.93 8.25
C GLN B 85 -25.57 -3.08 8.95
N VAL B 86 -25.37 -4.29 8.43
CA VAL B 86 -26.01 -5.47 8.99
C VAL B 86 -25.48 -5.81 10.39
N ILE B 87 -24.18 -5.64 10.58
CA ILE B 87 -23.58 -5.92 11.89
C ILE B 87 -24.22 -5.04 12.95
N ASN B 88 -24.66 -3.85 12.55
CA ASN B 88 -25.31 -2.93 13.47
C ASN B 88 -26.61 -3.51 14.02
N ASP B 89 -27.21 -4.44 13.27
CA ASP B 89 -28.46 -5.06 13.68
C ASP B 89 -28.28 -6.44 14.31
N ILE B 90 -27.06 -6.72 14.78
CA ILE B 90 -26.77 -8.00 15.44
C ILE B 90 -26.68 -7.70 16.92
N SER B 91 -27.57 -8.31 17.70
CA SER B 91 -27.60 -8.09 19.15
C SER B 91 -27.31 -9.32 20.00
N THR B 92 -27.33 -10.50 19.38
CA THR B 92 -27.07 -11.74 20.11
C THR B 92 -26.14 -12.68 19.38
N GLU B 93 -25.51 -13.57 20.16
CA GLU B 93 -24.61 -14.54 19.57
C GLU B 93 -25.42 -15.51 18.73
N GLU B 94 -26.65 -15.80 19.16
CA GLU B 94 -27.50 -16.71 18.42
C GLU B 94 -27.65 -16.22 16.97
N GLN B 95 -27.93 -14.94 16.81
CA GLN B 95 -28.08 -14.36 15.48
C GLN B 95 -26.78 -14.49 14.71
N LEU B 96 -25.68 -14.15 15.38
CA LEU B 96 -24.36 -14.23 14.75
C LEU B 96 -24.06 -15.61 14.19
N VAL B 97 -24.38 -16.65 14.94
CA VAL B 97 -24.09 -18.02 14.51
C VAL B 97 -25.14 -18.65 13.59
N LYS B 98 -26.37 -18.14 13.64
CA LYS B 98 -27.43 -18.70 12.80
C LYS B 98 -27.74 -17.87 11.56
N GLU B 99 -27.75 -16.55 11.71
CA GLU B 99 -28.09 -15.65 10.62
C GLU B 99 -26.92 -14.96 9.93
N HIS B 100 -25.72 -15.06 10.50
CA HIS B 100 -24.57 -14.40 9.89
C HIS B 100 -23.38 -15.32 9.76
N MET B 101 -23.65 -16.52 9.28
CA MET B 101 -22.63 -17.53 9.05
C MET B 101 -22.33 -17.50 7.56
N ASP B 102 -23.33 -17.11 6.77
CA ASP B 102 -23.19 -17.04 5.32
C ASP B 102 -22.41 -15.81 4.85
N ASP B 103 -22.79 -14.64 5.33
CA ASP B 103 -22.09 -13.42 4.94
C ASP B 103 -20.69 -13.35 5.53
N GLY B 104 -20.28 -14.43 6.19
CA GLY B 104 -18.95 -14.51 6.78
C GLY B 104 -18.64 -13.64 7.98
N ILE B 105 -19.65 -12.94 8.50
CA ILE B 105 -19.45 -12.06 9.65
C ILE B 105 -19.07 -12.80 10.93
N ASN B 106 -19.72 -13.93 11.19
CA ASN B 106 -19.43 -14.72 12.39
C ASN B 106 -17.96 -15.09 12.47
N GLU B 107 -17.45 -15.67 11.38
CA GLU B 107 -16.06 -16.09 11.29
C GLU B 107 -15.09 -14.93 11.39
N ALA B 108 -15.39 -13.84 10.68
CA ALA B 108 -14.51 -12.68 10.67
C ALA B 108 -14.33 -12.04 12.05
N ILE B 109 -15.44 -11.75 12.71
CA ILE B 109 -15.40 -11.11 14.02
C ILE B 109 -14.72 -11.98 15.07
N ARG B 110 -15.03 -13.28 15.05
CA ARG B 110 -14.42 -14.19 16.02
C ARG B 110 -12.92 -14.33 15.80
N SER B 111 -12.50 -14.38 14.53
CA SER B 111 -11.08 -14.52 14.23
C SER B 111 -10.28 -13.30 14.67
N LEU B 112 -10.86 -12.11 14.49
CA LEU B 112 -10.17 -10.88 14.87
C LEU B 112 -10.02 -10.76 16.38
N ILE B 113 -11.04 -11.17 17.12
CA ILE B 113 -10.98 -11.09 18.57
C ILE B 113 -9.98 -12.12 19.09
N TYR B 114 -9.98 -13.30 18.49
CA TYR B 114 -9.04 -14.34 18.91
C TYR B 114 -7.60 -13.90 18.64
N ALA B 115 -7.40 -13.16 17.56
CA ALA B 115 -6.08 -12.71 17.17
C ALA B 115 -5.44 -11.64 18.03
N ILE B 116 -6.25 -10.90 18.80
CA ILE B 116 -5.72 -9.83 19.65
C ILE B 116 -4.46 -10.20 20.41
N LEU B 117 -4.53 -11.32 21.11
CA LEU B 117 -3.41 -11.81 21.92
C LEU B 117 -2.15 -12.06 21.10
N PHE B 118 -2.34 -12.47 19.85
CA PHE B 118 -1.22 -12.82 18.98
C PHE B 118 -0.71 -11.72 18.06
N VAL B 119 -1.43 -10.60 17.98
CA VAL B 119 -1.01 -9.50 17.11
C VAL B 119 -0.93 -8.21 17.93
N ASP B 120 -0.01 -8.18 18.90
CA ASP B 120 0.11 -7.00 19.73
C ASP B 120 0.59 -5.77 18.94
N GLU B 121 1.12 -5.98 17.74
CA GLU B 121 1.58 -4.85 16.95
C GLU B 121 0.41 -4.02 16.38
N VAL B 122 -0.82 -4.51 16.56
CA VAL B 122 -2.01 -3.78 16.13
C VAL B 122 -2.94 -3.69 17.35
N LYS B 123 -2.67 -2.72 18.21
CA LYS B 123 -3.46 -2.55 19.42
C LYS B 123 -4.94 -2.25 19.19
N GLU B 124 -5.25 -1.64 18.05
CA GLU B 124 -6.62 -1.30 17.71
C GLU B 124 -7.56 -2.50 17.74
N LEU B 125 -7.02 -3.70 17.53
CA LEU B 125 -7.84 -4.90 17.54
C LEU B 125 -8.59 -5.06 18.85
N SER B 126 -7.96 -4.64 19.95
CA SER B 126 -8.58 -4.76 21.26
C SER B 126 -9.88 -3.97 21.33
N GLN B 127 -9.98 -2.93 20.50
CA GLN B 127 -11.16 -2.09 20.46
C GLN B 127 -12.36 -2.89 19.92
N LEU B 128 -12.07 -3.80 18.99
CA LEU B 128 -13.10 -4.65 18.42
C LEU B 128 -13.71 -5.51 19.52
N LYS B 129 -12.86 -6.03 20.40
CA LYS B 129 -13.34 -6.85 21.52
C LYS B 129 -14.24 -6.02 22.40
N ASP B 130 -13.79 -4.82 22.74
CA ASP B 130 -14.58 -3.93 23.60
C ASP B 130 -15.94 -3.59 22.98
N LEU B 131 -15.93 -3.27 21.68
CA LEU B 131 -17.17 -2.93 20.99
C LEU B 131 -18.13 -4.11 20.98
N MET B 132 -17.61 -5.30 20.71
CA MET B 132 -18.46 -6.49 20.64
C MET B 132 -18.95 -6.97 22.01
N ALA B 133 -18.16 -6.76 23.06
CA ALA B 133 -18.58 -7.18 24.39
C ALA B 133 -19.79 -6.34 24.79
N TRP B 134 -19.86 -5.12 24.27
CA TRP B 134 -20.96 -4.22 24.56
C TRP B 134 -22.15 -4.46 23.65
N LYS B 135 -21.88 -4.68 22.36
CA LYS B 135 -22.95 -4.91 21.38
C LYS B 135 -23.67 -6.22 21.66
N ILE B 136 -22.91 -7.27 21.95
CA ILE B 136 -23.48 -8.59 22.25
C ILE B 136 -23.34 -8.73 23.77
N ASN B 137 -22.32 -9.43 24.25
CA ASN B 137 -22.08 -9.54 25.68
C ASN B 137 -20.70 -10.12 25.99
N VAL B 138 -20.31 -10.06 27.26
CA VAL B 138 -19.01 -10.55 27.67
C VAL B 138 -18.84 -12.03 27.40
N GLU B 139 -19.92 -12.79 27.54
CA GLU B 139 -19.86 -14.24 27.30
C GLU B 139 -19.42 -14.53 25.87
N PHE B 140 -19.83 -13.69 24.93
CA PHE B 140 -19.45 -13.88 23.54
C PHE B 140 -17.94 -13.78 23.37
N VAL B 141 -17.36 -12.66 23.80
CA VAL B 141 -15.92 -12.49 23.65
C VAL B 141 -15.12 -13.51 24.45
N ASN B 142 -15.59 -13.89 25.64
CA ASN B 142 -14.85 -14.89 26.41
C ASN B 142 -14.94 -16.25 25.76
N GLY B 143 -16.06 -16.53 25.11
CA GLY B 143 -16.20 -17.80 24.42
C GLY B 143 -15.16 -17.89 23.32
N VAL B 144 -14.89 -16.76 22.67
CA VAL B 144 -13.91 -16.71 21.60
C VAL B 144 -12.50 -16.90 22.12
N ILE B 145 -12.09 -16.06 23.07
CA ILE B 145 -10.74 -16.12 23.61
C ILE B 145 -10.45 -17.36 24.45
N ALA B 146 -11.36 -17.70 25.35
CA ALA B 146 -11.16 -18.85 26.22
C ALA B 146 -11.47 -20.19 25.58
N ASP B 147 -12.61 -20.28 24.90
CA ASP B 147 -13.01 -21.53 24.29
C ASP B 147 -12.81 -21.66 22.79
N HIS B 148 -12.27 -20.63 22.16
CA HIS B 148 -12.01 -20.65 20.73
C HIS B 148 -13.23 -21.06 19.90
N ILE B 149 -14.42 -20.71 20.37
CA ILE B 149 -15.65 -21.06 19.68
C ILE B 149 -15.74 -20.49 18.27
N ASP B 150 -15.87 -21.39 17.30
CA ASP B 150 -15.99 -21.04 15.88
C ASP B 150 -14.82 -20.30 15.25
N VAL B 151 -13.65 -20.40 15.87
CA VAL B 151 -12.46 -19.77 15.31
C VAL B 151 -11.87 -20.77 14.32
N PRO B 152 -11.64 -20.35 13.06
CA PRO B 152 -11.08 -21.22 12.02
C PRO B 152 -9.78 -21.90 12.46
N GLU B 153 -9.68 -23.20 12.18
CA GLU B 153 -8.49 -23.95 12.54
C GLU B 153 -7.22 -23.32 11.98
N LYS B 154 -7.30 -22.76 10.77
CA LYS B 154 -6.14 -22.14 10.15
C LYS B 154 -5.70 -20.92 10.96
N ILE B 155 -6.66 -20.15 11.48
CA ILE B 155 -6.31 -18.98 12.28
C ILE B 155 -5.61 -19.51 13.54
N ILE B 156 -6.17 -20.56 14.13
CA ILE B 156 -5.57 -21.15 15.31
C ILE B 156 -4.11 -21.56 15.04
N LYS B 157 -3.90 -22.22 13.91
CA LYS B 157 -2.58 -22.71 13.53
C LYS B 157 -1.54 -21.63 13.24
N LYS B 158 -1.98 -20.51 12.68
CA LYS B 158 -1.04 -19.43 12.37
C LYS B 158 -0.73 -18.58 13.60
N CYS B 159 -1.50 -18.77 14.67
CA CYS B 159 -1.28 -17.99 15.90
C CYS B 159 -0.35 -18.73 16.88
N SER B 160 -0.66 -20.00 17.15
CA SER B 160 0.11 -20.80 18.10
C SER B 160 1.59 -21.00 17.81
N PRO B 161 2.45 -20.76 18.81
CA PRO B 161 3.89 -20.93 18.64
C PRO B 161 4.16 -22.40 18.30
N SER B 162 5.09 -22.67 17.40
CA SER B 162 5.38 -24.05 17.01
C SER B 162 6.81 -24.24 16.54
N VAL B 163 7.22 -25.50 16.49
CA VAL B 163 8.54 -25.88 16.01
C VAL B 163 8.33 -26.45 14.61
N PRO B 164 9.01 -25.88 13.60
CA PRO B 164 8.89 -26.34 12.21
C PRO B 164 9.60 -27.66 11.93
N LYS B 165 9.13 -28.37 10.91
CA LYS B 165 9.72 -29.64 10.51
C LYS B 165 11.10 -29.37 9.92
N GLU B 166 12.05 -30.26 10.16
CA GLU B 166 13.40 -30.10 9.63
C GLU B 166 13.36 -29.99 8.11
N GLU B 167 12.39 -30.68 7.51
CA GLU B 167 12.20 -30.68 6.06
C GLU B 167 11.86 -29.28 5.53
N LEU B 168 11.09 -28.53 6.30
CA LEU B 168 10.71 -27.18 5.89
C LEU B 168 11.90 -26.25 6.07
N VAL B 169 12.71 -26.51 7.09
CA VAL B 169 13.87 -25.68 7.34
C VAL B 169 14.84 -25.87 6.16
N ASP B 170 14.99 -27.11 5.71
CA ASP B 170 15.87 -27.41 4.58
C ASP B 170 15.35 -26.77 3.30
N LEU B 171 14.03 -26.77 3.12
CA LEU B 171 13.42 -26.18 1.94
C LEU B 171 13.73 -24.69 1.90
N TYR B 172 13.57 -24.04 3.05
CA TYR B 172 13.85 -22.62 3.16
C TYR B 172 15.32 -22.33 2.84
N LEU B 173 16.21 -23.16 3.36
CA LEU B 173 17.64 -23.00 3.11
C LEU B 173 17.90 -23.10 1.60
N LYS B 174 17.26 -24.08 0.96
CA LYS B 174 17.45 -24.25 -0.47
C LYS B 174 16.89 -23.10 -1.29
N GLU B 175 15.75 -22.54 -0.88
CA GLU B 175 15.17 -21.43 -1.62
C GLU B 175 15.99 -20.16 -1.42
N ILE B 176 16.53 -19.96 -0.24
CA ILE B 176 17.36 -18.79 0.03
C ILE B 176 18.67 -18.95 -0.76
N ALA B 177 19.15 -20.19 -0.83
CA ALA B 177 20.38 -20.47 -1.58
C ALA B 177 20.20 -20.14 -3.05
N LYS B 178 19.00 -20.41 -3.58
CA LYS B 178 18.75 -20.11 -4.98
C LYS B 178 18.69 -18.60 -5.18
N THR B 179 17.92 -17.94 -4.32
CA THR B 179 17.77 -16.49 -4.38
C THR B 179 19.11 -15.76 -4.35
N TYR B 180 19.97 -16.14 -3.42
CA TYR B 180 21.26 -15.48 -3.27
C TYR B 180 22.46 -16.20 -3.88
N ASP B 181 22.18 -17.17 -4.76
CA ASP B 181 23.23 -17.94 -5.44
C ASP B 181 24.32 -18.47 -4.51
N VAL B 182 23.91 -18.96 -3.35
CA VAL B 182 24.85 -19.51 -2.37
C VAL B 182 25.55 -20.73 -2.96
N PRO B 183 26.90 -20.77 -2.86
CA PRO B 183 27.61 -21.92 -3.41
C PRO B 183 27.12 -23.25 -2.86
N TYR B 184 27.16 -24.27 -3.71
CA TYR B 184 26.72 -25.60 -3.35
C TYR B 184 27.29 -26.11 -2.03
N SER B 185 28.61 -26.08 -1.91
CA SER B 185 29.29 -26.58 -0.71
C SER B 185 28.77 -25.91 0.55
N LYS B 186 28.57 -24.60 0.49
CA LYS B 186 28.10 -23.84 1.64
C LYS B 186 26.71 -24.25 2.09
N LEU B 187 25.83 -24.55 1.14
CA LEU B 187 24.48 -24.96 1.50
C LEU B 187 24.41 -26.38 2.02
N GLU B 188 25.17 -27.28 1.41
CA GLU B 188 25.19 -28.67 1.83
C GLU B 188 25.58 -28.81 3.30
N ASN B 189 26.50 -27.97 3.76
CA ASN B 189 26.93 -28.03 5.15
C ASN B 189 25.80 -27.73 6.14
N SER B 190 24.84 -26.89 5.74
CA SER B 190 23.72 -26.51 6.61
C SER B 190 22.60 -27.54 6.68
N LEU B 191 22.50 -28.38 5.66
CA LEU B 191 21.45 -29.39 5.64
C LEU B 191 21.75 -30.52 6.61
#